data_5KRF
#
_entry.id   5KRF
#
_cell.length_a   54.361
_cell.length_b   80.875
_cell.length_c   58.113
_cell.angle_alpha   90.00
_cell.angle_beta   109.53
_cell.angle_gamma   90.00
#
_symmetry.space_group_name_H-M   'P 1 21 1'
#
loop_
_entity.id
_entity.type
_entity.pdbx_description
1 polymer 'Estrogen receptor'
2 polymer 'KHKILHRLLQDSSS Peptide'
3 non-polymer 4-[1-methyl-7-(trifluoromethyl)indazol-3-yl]benzene-1,3-diol
4 water water
#
loop_
_entity_poly.entity_id
_entity_poly.type
_entity_poly.pdbx_seq_one_letter_code
_entity_poly.pdbx_strand_id
1 'polypeptide(L)'
;IKRSKKNSLALSLTADQMVSALLDAEPPILYSEYDPTRPFSEASMMGLLTNLADRELVHMINWAKRVPGFVDLTLHDQVH
LLECAWLEILMIGLVWRSMEHPGKLLFAPNLLLDRNQGKCVEGMVEIFDMLLATSSRFRMMNLQGEEFVCLKSIILLNSG
VYTFLSSTLKSLEEKDHIHRVLDKITDTLIHLMAKAGLTLQQQHQRLAQLLLILSHIRHMSNKGMEHLYSMKCKNVVPLS
DLLLEMLDAHRLHAPTS
;
A,B
2 'polypeptide(L)' KHKILHRLLQDSSS C,D
#
# COMPACT_ATOMS: atom_id res chain seq x y z
N ASN A 7 29.37 2.59 -8.17
CA ASN A 7 29.62 1.81 -6.96
C ASN A 7 28.89 0.48 -7.00
N SER A 8 27.63 0.51 -7.40
CA SER A 8 26.80 -0.69 -7.43
C SER A 8 26.63 -1.23 -8.85
N LEU A 9 26.79 -2.54 -8.99
CA LEU A 9 26.70 -3.21 -10.30
C LEU A 9 25.31 -3.07 -10.92
N ALA A 10 24.29 -2.98 -10.07
CA ALA A 10 22.89 -2.95 -10.50
C ALA A 10 22.60 -1.84 -11.50
N LEU A 11 23.34 -0.74 -11.43
CA LEU A 11 23.10 0.41 -12.29
C LEU A 11 23.72 0.24 -13.67
N SER A 12 24.82 -0.49 -13.76
CA SER A 12 25.48 -0.72 -15.04
C SER A 12 24.75 -1.77 -15.86
N LEU A 13 23.82 -2.47 -15.23
CA LEU A 13 23.02 -3.48 -15.90
C LEU A 13 22.10 -2.88 -16.95
N THR A 14 22.04 -3.51 -18.12
CA THR A 14 21.06 -3.12 -19.12
C THR A 14 19.71 -3.69 -18.73
N ALA A 15 18.65 -3.23 -19.38
CA ALA A 15 17.30 -3.65 -19.05
C ALA A 15 17.11 -5.16 -19.25
N ASP A 16 17.61 -5.68 -20.36
CA ASP A 16 17.53 -7.10 -20.64
C ASP A 16 18.39 -7.92 -19.67
N GLN A 17 19.52 -7.34 -19.26
CA GLN A 17 20.36 -7.98 -18.25
C GLN A 17 19.67 -7.99 -16.91
N MET A 18 18.92 -6.92 -16.62
CA MET A 18 18.14 -6.83 -15.40
C MET A 18 17.03 -7.87 -15.40
N VAL A 19 16.37 -8.02 -16.55
CA VAL A 19 15.32 -9.02 -16.71
C VAL A 19 15.86 -10.42 -16.55
N SER A 20 16.98 -10.71 -17.22
CA SER A 20 17.62 -12.01 -17.15
C SER A 20 18.06 -12.35 -15.73
N ALA A 21 18.55 -11.35 -15.01
CA ALA A 21 19.00 -11.54 -13.64
C ALA A 21 17.84 -11.90 -12.72
N LEU A 22 16.71 -11.23 -12.90
CA LEU A 22 15.53 -11.46 -12.07
C LEU A 22 14.88 -12.80 -12.39
N LEU A 23 14.85 -13.16 -13.66
CA LEU A 23 14.26 -14.42 -14.08
C LEU A 23 15.07 -15.62 -13.59
N ASP A 24 16.39 -15.51 -13.70
CA ASP A 24 17.28 -16.60 -13.31
C ASP A 24 17.32 -16.78 -11.79
N ALA A 25 16.97 -15.72 -11.07
CA ALA A 25 17.01 -15.74 -9.61
C ALA A 25 15.68 -16.21 -9.01
N GLU A 26 14.70 -16.48 -9.87
CA GLU A 26 13.37 -16.89 -9.44
C GLU A 26 13.39 -18.13 -8.57
N PRO A 27 12.72 -18.05 -7.40
CA PRO A 27 12.59 -19.20 -6.51
C PRO A 27 11.63 -20.24 -7.08
N PRO A 28 11.84 -21.51 -6.75
CA PRO A 28 10.97 -22.58 -7.25
C PRO A 28 9.55 -22.52 -6.69
N ILE A 29 8.63 -23.18 -7.37
CA ILE A 29 7.27 -23.33 -6.85
C ILE A 29 7.23 -24.57 -5.95
N LEU A 30 7.09 -24.35 -4.65
CA LEU A 30 7.14 -25.42 -3.68
C LEU A 30 5.80 -26.13 -3.53
N TYR A 31 5.85 -27.38 -3.09
CA TYR A 31 4.65 -28.17 -2.88
C TYR A 31 4.27 -28.23 -1.40
N SER A 32 2.98 -28.42 -1.14
CA SER A 32 2.53 -28.70 0.20
C SER A 32 2.61 -30.21 0.44
N GLU A 33 2.20 -30.66 1.62
CA GLU A 33 2.17 -32.08 1.92
C GLU A 33 1.24 -32.80 0.95
N TYR A 34 1.63 -34.00 0.52
CA TYR A 34 0.84 -34.74 -0.46
C TYR A 34 -0.38 -35.41 0.14
N ASP A 35 -0.83 -34.91 1.28
CA ASP A 35 -2.06 -35.35 1.91
C ASP A 35 -3.24 -34.88 1.06
N PRO A 36 -4.06 -35.83 0.58
CA PRO A 36 -5.21 -35.52 -0.28
C PRO A 36 -6.40 -34.95 0.50
N THR A 37 -6.18 -34.53 1.74
CA THR A 37 -7.25 -34.02 2.57
C THR A 37 -7.52 -32.54 2.29
N ARG A 38 -8.78 -32.21 2.03
CA ARG A 38 -9.21 -30.82 1.88
C ARG A 38 -9.17 -30.11 3.22
N PRO A 39 -8.31 -29.08 3.34
CA PRO A 39 -8.19 -28.34 4.60
C PRO A 39 -9.40 -27.44 4.86
N PHE A 40 -10.12 -27.72 5.94
CA PHE A 40 -11.25 -26.88 6.34
C PHE A 40 -11.03 -26.34 7.75
N SER A 41 -10.47 -27.16 8.62
CA SER A 41 -10.15 -26.72 9.98
C SER A 41 -9.08 -25.62 9.92
N GLU A 42 -9.14 -24.69 10.86
CA GLU A 42 -8.17 -23.61 10.91
C GLU A 42 -6.80 -24.14 11.31
N ALA A 43 -6.80 -25.28 12.01
CA ALA A 43 -5.55 -25.91 12.43
C ALA A 43 -4.86 -26.56 11.24
N SER A 44 -5.66 -27.21 10.39
CA SER A 44 -5.13 -27.92 9.24
C SER A 44 -4.70 -26.97 8.12
N MET A 45 -5.49 -25.93 7.88
CA MET A 45 -5.19 -24.98 6.82
C MET A 45 -3.97 -24.11 7.16
N MET A 46 -4.03 -23.45 8.30
CA MET A 46 -2.97 -22.52 8.71
C MET A 46 -1.67 -23.26 8.99
N GLY A 47 -1.77 -24.54 9.34
CA GLY A 47 -0.58 -25.36 9.51
C GLY A 47 0.13 -25.55 8.20
N LEU A 48 -0.65 -25.75 7.13
CA LEU A 48 -0.10 -25.92 5.79
C LEU A 48 0.46 -24.62 5.24
N LEU A 49 -0.20 -23.50 5.55
CA LEU A 49 0.23 -22.20 5.08
C LEU A 49 1.54 -21.76 5.74
N THR A 50 1.65 -22.00 7.04
CA THR A 50 2.84 -21.63 7.78
C THR A 50 4.02 -22.51 7.42
N ASN A 51 3.76 -23.80 7.25
CA ASN A 51 4.80 -24.74 6.83
C ASN A 51 5.32 -24.40 5.43
N LEU A 52 4.38 -24.09 4.53
CA LEU A 52 4.74 -23.69 3.17
C LEU A 52 5.53 -22.38 3.19
N ALA A 53 5.12 -21.45 4.05
CA ALA A 53 5.81 -20.18 4.19
C ALA A 53 7.22 -20.38 4.73
N ASP A 54 7.37 -21.30 5.68
CA ASP A 54 8.67 -21.61 6.27
C ASP A 54 9.70 -22.00 5.23
N ARG A 55 9.37 -22.99 4.42
CA ARG A 55 10.29 -23.51 3.41
C ARG A 55 10.51 -22.50 2.29
N GLU A 56 9.49 -21.69 2.01
CA GLU A 56 9.60 -20.67 0.97
C GLU A 56 10.50 -19.51 1.40
N LEU A 57 10.51 -19.22 2.71
CA LEU A 57 11.32 -18.13 3.24
C LEU A 57 12.81 -18.36 3.01
N VAL A 58 13.22 -19.62 3.04
CA VAL A 58 14.60 -19.97 2.78
C VAL A 58 14.97 -19.64 1.34
N HIS A 59 14.05 -19.92 0.42
CA HIS A 59 14.26 -19.62 -0.99
C HIS A 59 14.19 -18.12 -1.27
N MET A 60 13.32 -17.42 -0.54
CA MET A 60 13.17 -15.98 -0.70
C MET A 60 14.46 -15.26 -0.31
N ILE A 61 15.07 -15.71 0.79
CA ILE A 61 16.33 -15.16 1.24
C ILE A 61 17.41 -15.35 0.17
N ASN A 62 17.47 -16.55 -0.38
CA ASN A 62 18.39 -16.85 -1.47
C ASN A 62 18.09 -16.02 -2.71
N TRP A 63 16.81 -15.81 -2.96
CA TRP A 63 16.38 -14.98 -4.09
C TRP A 63 16.73 -13.52 -3.88
N ALA A 64 16.54 -13.05 -2.65
CA ALA A 64 16.79 -11.65 -2.29
C ALA A 64 18.25 -11.26 -2.55
N LYS A 65 19.16 -12.18 -2.23
CA LYS A 65 20.59 -11.95 -2.44
C LYS A 65 20.92 -11.71 -3.90
N ARG A 66 20.22 -12.40 -4.78
CA ARG A 66 20.52 -12.35 -6.21
C ARG A 66 19.79 -11.20 -6.90
N VAL A 67 19.02 -10.43 -6.12
CA VAL A 67 18.41 -9.22 -6.64
C VAL A 67 19.45 -8.10 -6.69
N PRO A 68 19.68 -7.55 -7.89
CA PRO A 68 20.67 -6.50 -8.09
C PRO A 68 20.44 -5.29 -7.19
N GLY A 69 21.46 -4.92 -6.41
CA GLY A 69 21.36 -3.79 -5.51
C GLY A 69 21.18 -4.22 -4.06
N PHE A 70 20.55 -5.38 -3.86
CA PHE A 70 20.26 -5.88 -2.53
C PHE A 70 21.54 -6.27 -1.78
N VAL A 71 22.49 -6.85 -2.50
CA VAL A 71 23.73 -7.29 -1.89
C VAL A 71 24.62 -6.11 -1.49
N ASP A 72 24.42 -4.98 -2.16
CA ASP A 72 25.21 -3.78 -1.92
C ASP A 72 24.86 -3.15 -0.57
N LEU A 73 23.68 -3.48 -0.06
CA LEU A 73 23.23 -2.95 1.23
C LEU A 73 23.94 -3.65 2.38
N THR A 74 23.93 -3.01 3.55
CA THR A 74 24.47 -3.62 4.75
C THR A 74 23.57 -4.79 5.17
N LEU A 75 24.10 -5.68 6.00
CA LEU A 75 23.35 -6.86 6.43
C LEU A 75 22.08 -6.46 7.19
N HIS A 76 22.19 -5.41 8.00
CA HIS A 76 21.06 -4.94 8.79
C HIS A 76 19.94 -4.40 7.89
N ASP A 77 20.32 -3.71 6.83
CA ASP A 77 19.35 -3.18 5.88
C ASP A 77 18.67 -4.31 5.11
N GLN A 78 19.44 -5.35 4.80
CA GLN A 78 18.89 -6.53 4.13
C GLN A 78 17.88 -7.24 5.01
N VAL A 79 18.22 -7.38 6.30
CA VAL A 79 17.31 -7.98 7.26
C VAL A 79 16.02 -7.21 7.36
N HIS A 80 16.15 -5.89 7.48
CA HIS A 80 15.01 -5.00 7.63
C HIS A 80 14.04 -5.08 6.45
N LEU A 81 14.58 -5.09 5.24
CA LEU A 81 13.75 -5.15 4.04
C LEU A 81 12.97 -6.46 3.96
N LEU A 82 13.62 -7.56 4.31
CA LEU A 82 12.98 -8.87 4.28
C LEU A 82 11.92 -8.99 5.37
N GLU A 83 12.20 -8.41 6.53
CA GLU A 83 11.23 -8.43 7.63
C GLU A 83 9.95 -7.68 7.27
N CYS A 84 10.10 -6.62 6.48
CA CYS A 84 8.97 -5.78 6.10
C CYS A 84 8.15 -6.36 4.95
N ALA A 85 8.83 -7.00 3.99
CA ALA A 85 8.20 -7.32 2.72
C ALA A 85 7.93 -8.80 2.47
N TRP A 86 8.36 -9.66 3.40
CA TRP A 86 8.31 -11.10 3.15
C TRP A 86 6.90 -11.62 2.86
N LEU A 87 5.91 -11.11 3.59
CA LEU A 87 4.54 -11.57 3.39
C LEU A 87 3.97 -10.99 2.10
N GLU A 88 4.39 -9.77 1.76
CA GLU A 88 4.00 -9.16 0.49
C GLU A 88 4.53 -9.98 -0.68
N ILE A 89 5.78 -10.42 -0.55
CA ILE A 89 6.45 -11.19 -1.60
C ILE A 89 5.82 -12.56 -1.78
N LEU A 90 5.46 -13.19 -0.67
CA LEU A 90 4.77 -14.48 -0.73
C LEU A 90 3.40 -14.34 -1.38
N MET A 91 2.70 -13.26 -1.03
CA MET A 91 1.35 -13.03 -1.53
C MET A 91 1.33 -12.70 -3.02
N ILE A 92 2.26 -11.85 -3.46
CA ILE A 92 2.31 -11.50 -4.88
C ILE A 92 2.74 -12.71 -5.70
N GLY A 93 3.47 -13.62 -5.07
CA GLY A 93 3.82 -14.88 -5.69
C GLY A 93 2.60 -15.77 -5.79
N LEU A 94 1.78 -15.74 -4.75
CA LEU A 94 0.56 -16.53 -4.71
C LEU A 94 -0.42 -16.12 -5.82
N VAL A 95 -0.69 -14.82 -5.91
CA VAL A 95 -1.66 -14.31 -6.88
C VAL A 95 -1.13 -14.44 -8.31
N TRP A 96 0.18 -14.52 -8.46
CA TRP A 96 0.80 -14.70 -9.76
C TRP A 96 0.48 -16.09 -10.34
N ARG A 97 0.77 -17.12 -9.56
CA ARG A 97 0.56 -18.48 -10.02
C ARG A 97 -0.90 -18.91 -9.89
N SER A 98 -1.72 -18.05 -9.30
CA SER A 98 -3.15 -18.32 -9.16
C SER A 98 -3.94 -17.65 -10.29
N MET A 99 -3.24 -16.96 -11.18
CA MET A 99 -3.87 -16.23 -12.27
C MET A 99 -4.68 -17.15 -13.18
N GLU A 100 -4.10 -18.29 -13.52
CA GLU A 100 -4.73 -19.23 -14.45
C GLU A 100 -5.78 -20.11 -13.77
N HIS A 101 -6.07 -19.81 -12.50
CA HIS A 101 -7.08 -20.55 -11.76
C HIS A 101 -8.08 -19.60 -11.09
N PRO A 102 -9.01 -19.03 -11.88
CA PRO A 102 -9.99 -18.05 -11.39
C PRO A 102 -10.87 -18.60 -10.26
N GLY A 103 -11.06 -17.80 -9.22
CA GLY A 103 -11.87 -18.22 -8.08
C GLY A 103 -11.13 -19.15 -7.15
N LYS A 104 -9.85 -19.39 -7.46
CA LYS A 104 -9.03 -20.28 -6.65
C LYS A 104 -7.67 -19.66 -6.34
N LEU A 105 -7.08 -20.06 -5.22
CA LEU A 105 -5.75 -19.63 -4.84
C LEU A 105 -4.78 -20.80 -4.85
N LEU A 106 -3.77 -20.72 -5.71
CA LEU A 106 -2.80 -21.80 -5.86
C LEU A 106 -1.62 -21.59 -4.92
N PHE A 107 -1.81 -21.94 -3.65
CA PHE A 107 -0.73 -21.88 -2.67
C PHE A 107 0.38 -22.85 -3.08
N ALA A 108 -0.03 -24.02 -3.55
CA ALA A 108 0.87 -25.03 -4.07
C ALA A 108 0.15 -25.78 -5.18
N PRO A 109 0.90 -26.38 -6.12
CA PRO A 109 0.28 -27.13 -7.21
C PRO A 109 -0.63 -28.27 -6.71
N ASN A 110 -0.39 -28.73 -5.49
CA ASN A 110 -1.22 -29.75 -4.88
C ASN A 110 -2.05 -29.18 -3.73
N LEU A 111 -2.20 -27.85 -3.70
CA LEU A 111 -2.98 -27.19 -2.67
C LEU A 111 -3.70 -25.96 -3.22
N LEU A 112 -4.90 -26.16 -3.75
CA LEU A 112 -5.72 -25.06 -4.24
C LEU A 112 -6.85 -24.76 -3.25
N LEU A 113 -6.95 -23.52 -2.82
CA LEU A 113 -7.97 -23.12 -1.85
C LEU A 113 -8.94 -22.10 -2.42
N ASP A 114 -10.23 -22.40 -2.33
CA ASP A 114 -11.25 -21.43 -2.71
C ASP A 114 -11.73 -20.69 -1.47
N ARG A 115 -12.67 -19.75 -1.65
CA ARG A 115 -13.13 -18.94 -0.54
C ARG A 115 -14.03 -19.72 0.41
N ASN A 116 -14.59 -20.84 -0.07
CA ASN A 116 -15.45 -21.68 0.76
C ASN A 116 -14.69 -22.33 1.90
N GLN A 117 -13.38 -22.48 1.73
CA GLN A 117 -12.52 -23.02 2.78
C GLN A 117 -12.05 -21.90 3.69
N GLY A 118 -12.00 -20.69 3.15
CA GLY A 118 -11.53 -19.54 3.89
C GLY A 118 -12.46 -19.09 5.00
N LYS A 119 -13.75 -19.33 4.83
CA LYS A 119 -14.74 -18.90 5.82
C LYS A 119 -14.94 -19.94 6.92
N CYS A 120 -14.13 -21.00 6.88
CA CYS A 120 -14.08 -21.95 7.98
C CYS A 120 -12.99 -21.51 8.94
N VAL A 121 -12.37 -20.38 8.62
CA VAL A 121 -11.38 -19.74 9.48
C VAL A 121 -11.75 -18.26 9.66
N GLU A 122 -11.96 -17.85 10.89
CA GLU A 122 -12.36 -16.47 11.18
C GLU A 122 -11.35 -15.45 10.68
N GLY A 123 -11.79 -14.59 9.77
CA GLY A 123 -10.96 -13.51 9.27
C GLY A 123 -10.33 -13.78 7.92
N MET A 124 -10.12 -15.06 7.60
CA MET A 124 -9.41 -15.43 6.39
C MET A 124 -10.21 -15.18 5.10
N VAL A 125 -11.53 -15.31 5.17
CA VAL A 125 -12.35 -15.24 3.98
C VAL A 125 -12.27 -13.88 3.28
N GLU A 126 -11.89 -12.85 4.03
CA GLU A 126 -11.74 -11.52 3.44
C GLU A 126 -10.34 -11.37 2.86
N ILE A 127 -9.36 -11.98 3.51
CA ILE A 127 -8.00 -12.02 2.99
C ILE A 127 -7.99 -12.80 1.68
N PHE A 128 -8.72 -13.92 1.64
CA PHE A 128 -8.84 -14.72 0.44
C PHE A 128 -9.48 -13.92 -0.70
N ASP A 129 -10.59 -13.26 -0.41
CA ASP A 129 -11.31 -12.47 -1.41
C ASP A 129 -10.43 -11.37 -1.97
N MET A 130 -9.63 -10.75 -1.12
CA MET A 130 -8.71 -9.71 -1.54
C MET A 130 -7.59 -10.28 -2.42
N LEU A 131 -7.16 -11.50 -2.08
CA LEU A 131 -6.13 -12.18 -2.86
C LEU A 131 -6.67 -12.65 -4.20
N LEU A 132 -7.94 -13.06 -4.20
CA LEU A 132 -8.61 -13.50 -5.43
C LEU A 132 -8.80 -12.33 -6.39
N ALA A 133 -9.17 -11.17 -5.85
CA ALA A 133 -9.39 -9.97 -6.65
C ALA A 133 -8.10 -9.49 -7.30
N THR A 134 -7.00 -9.61 -6.56
CA THR A 134 -5.69 -9.21 -7.06
C THR A 134 -5.25 -10.13 -8.20
N SER A 135 -5.54 -11.42 -8.05
CA SER A 135 -5.19 -12.41 -9.06
C SER A 135 -5.98 -12.17 -10.34
N SER A 136 -7.28 -11.93 -10.21
CA SER A 136 -8.13 -11.65 -11.36
C SER A 136 -7.71 -10.36 -12.04
N ARG A 137 -7.32 -9.38 -11.23
CA ARG A 137 -6.82 -8.10 -11.75
C ARG A 137 -5.56 -8.29 -12.57
N PHE A 138 -4.68 -9.17 -12.10
CA PHE A 138 -3.45 -9.50 -12.81
C PHE A 138 -3.75 -10.21 -14.13
N ARG A 139 -4.73 -11.10 -14.12
CA ARG A 139 -5.09 -11.85 -15.31
C ARG A 139 -5.69 -10.95 -16.38
N MET A 140 -6.42 -9.93 -15.93
CA MET A 140 -7.08 -9.01 -16.85
C MET A 140 -6.10 -8.00 -17.44
N MET A 141 -5.01 -7.74 -16.72
CA MET A 141 -3.97 -6.85 -17.23
C MET A 141 -2.98 -7.63 -18.10
N ASN A 142 -3.22 -8.93 -18.22
CA ASN A 142 -2.33 -9.83 -18.95
C ASN A 142 -0.89 -9.72 -18.43
N LEU A 143 -0.75 -9.74 -17.11
CA LEU A 143 0.54 -9.59 -16.45
C LEU A 143 1.55 -10.63 -16.95
N GLN A 144 2.70 -10.15 -17.40
CA GLN A 144 3.75 -11.03 -17.90
C GLN A 144 4.73 -11.38 -16.80
N GLY A 145 5.40 -12.52 -16.95
CA GLY A 145 6.37 -12.98 -15.97
C GLY A 145 7.51 -11.99 -15.77
N GLU A 146 7.94 -11.36 -16.87
CA GLU A 146 9.01 -10.37 -16.81
C GLU A 146 8.57 -9.14 -16.02
N GLU A 147 7.28 -8.84 -16.06
CA GLU A 147 6.72 -7.74 -15.28
C GLU A 147 6.59 -8.14 -13.82
N PHE A 148 6.23 -9.41 -13.59
CA PHE A 148 6.04 -9.93 -12.25
C PHE A 148 7.33 -9.91 -11.42
N VAL A 149 8.45 -10.30 -12.03
CA VAL A 149 9.72 -10.34 -11.32
C VAL A 149 10.23 -8.93 -11.02
N CYS A 150 9.82 -7.96 -11.82
CA CYS A 150 10.16 -6.57 -11.56
C CYS A 150 9.36 -6.04 -10.38
N LEU A 151 8.07 -6.35 -10.36
CA LEU A 151 7.18 -5.92 -9.29
C LEU A 151 7.59 -6.51 -7.94
N LYS A 152 8.02 -7.76 -7.96
CA LYS A 152 8.41 -8.44 -6.74
C LYS A 152 9.68 -7.84 -6.15
N SER A 153 10.61 -7.48 -7.02
CA SER A 153 11.85 -6.84 -6.60
C SER A 153 11.59 -5.42 -6.09
N ILE A 154 10.62 -4.75 -6.70
CA ILE A 154 10.20 -3.43 -6.25
C ILE A 154 9.70 -3.50 -4.81
N ILE A 155 8.82 -4.47 -4.55
CA ILE A 155 8.28 -4.71 -3.21
C ILE A 155 9.40 -4.93 -2.18
N LEU A 156 10.34 -5.79 -2.52
CA LEU A 156 11.47 -6.09 -1.66
C LEU A 156 12.26 -4.83 -1.30
N LEU A 157 12.51 -4.01 -2.30
CA LEU A 157 13.34 -2.83 -2.12
C LEU A 157 12.55 -1.64 -1.55
N ASN A 158 11.29 -1.52 -1.91
CA ASN A 158 10.49 -0.35 -1.51
C ASN A 158 9.88 -0.43 -0.11
N SER A 159 9.31 -1.58 0.25
CA SER A 159 8.45 -1.70 1.42
C SER A 159 9.08 -1.27 2.74
N GLY A 160 10.41 -1.36 2.83
CA GLY A 160 11.10 -1.00 4.06
C GLY A 160 12.00 0.22 3.97
N VAL A 161 11.97 0.94 2.83
CA VAL A 161 12.92 2.02 2.54
C VAL A 161 13.11 3.07 3.64
N TYR A 162 12.01 3.48 4.27
CA TYR A 162 12.06 4.61 5.20
C TYR A 162 12.66 4.23 6.54
N THR A 163 12.13 3.15 7.06
CA THR A 163 12.17 2.82 8.48
C THR A 163 13.60 2.68 9.01
N LYS A 175 21.25 6.32 1.36
CA LYS A 175 19.93 5.77 1.04
C LYS A 175 19.52 6.09 -0.39
N ASP A 176 20.35 6.88 -1.06
CA ASP A 176 20.12 7.23 -2.46
C ASP A 176 20.18 5.98 -3.33
N HIS A 177 20.99 5.02 -2.92
CA HIS A 177 21.23 3.80 -3.68
C HIS A 177 19.94 3.05 -4.04
N ILE A 178 19.12 2.78 -3.04
CA ILE A 178 17.87 2.05 -3.25
C ILE A 178 16.95 2.78 -4.24
N HIS A 179 16.87 4.10 -4.09
CA HIS A 179 16.07 4.92 -5.01
C HIS A 179 16.59 4.81 -6.43
N ARG A 180 17.91 4.69 -6.59
CA ARG A 180 18.51 4.54 -7.91
C ARG A 180 18.17 3.19 -8.52
N VAL A 181 18.16 2.15 -7.69
CA VAL A 181 17.82 0.81 -8.16
C VAL A 181 16.35 0.74 -8.51
N LEU A 182 15.51 1.39 -7.71
CA LEU A 182 14.08 1.45 -7.97
C LEU A 182 13.78 2.14 -9.29
N ASP A 183 14.59 3.14 -9.63
CA ASP A 183 14.47 3.83 -10.91
C ASP A 183 14.86 2.90 -12.06
N LYS A 184 15.89 2.08 -11.82
CA LYS A 184 16.35 1.12 -12.81
C LYS A 184 15.27 0.11 -13.16
N ILE A 185 14.57 -0.37 -12.14
CA ILE A 185 13.49 -1.33 -12.33
C ILE A 185 12.33 -0.68 -13.07
N THR A 186 12.09 0.59 -12.78
CA THR A 186 11.06 1.35 -13.49
C THR A 186 11.40 1.44 -14.98
N ASP A 187 12.66 1.73 -15.27
CA ASP A 187 13.14 1.75 -16.64
C ASP A 187 13.01 0.37 -17.27
N THR A 188 13.21 -0.66 -16.46
CA THR A 188 13.11 -2.05 -16.92
C THR A 188 11.67 -2.41 -17.25
N LEU A 189 10.74 -1.98 -16.40
CA LEU A 189 9.32 -2.21 -16.64
C LEU A 189 8.85 -1.53 -17.92
N ILE A 190 9.19 -0.25 -18.07
CA ILE A 190 8.88 0.50 -19.28
C ILE A 190 9.50 -0.17 -20.51
N HIS A 191 10.73 -0.65 -20.34
CA HIS A 191 11.44 -1.36 -21.40
C HIS A 191 10.67 -2.59 -21.89
N LEU A 192 10.07 -3.32 -20.96
CA LEU A 192 9.31 -4.53 -21.30
C LEU A 192 8.04 -4.20 -22.05
N MET A 193 7.32 -3.18 -21.57
CA MET A 193 6.08 -2.76 -22.21
C MET A 193 6.34 -2.21 -23.60
N ALA A 194 7.46 -1.52 -23.77
CA ALA A 194 7.84 -0.97 -25.06
C ALA A 194 8.22 -2.09 -26.02
N LYS A 195 8.76 -3.18 -25.48
CA LYS A 195 9.10 -4.35 -26.28
C LYS A 195 7.83 -5.07 -26.71
N ALA A 196 6.78 -4.94 -25.90
CA ALA A 196 5.51 -5.61 -26.18
C ALA A 196 4.65 -4.83 -27.16
N GLY A 197 5.17 -3.69 -27.62
CA GLY A 197 4.50 -2.90 -28.65
C GLY A 197 3.55 -1.85 -28.12
N LEU A 198 3.56 -1.64 -26.80
CA LEU A 198 2.69 -0.65 -26.18
C LEU A 198 3.11 0.77 -26.53
N THR A 199 2.13 1.64 -26.78
CA THR A 199 2.41 3.04 -27.04
C THR A 199 2.84 3.73 -25.75
N LEU A 200 3.39 4.94 -25.88
CA LEU A 200 3.88 5.69 -24.73
C LEU A 200 2.78 5.91 -23.69
N GLN A 201 1.57 6.18 -24.15
CA GLN A 201 0.43 6.39 -23.25
C GLN A 201 0.07 5.09 -22.53
N GLN A 202 0.07 3.99 -23.28
CA GLN A 202 -0.22 2.68 -22.71
C GLN A 202 0.89 2.25 -21.75
N GLN A 203 2.08 2.80 -21.94
CA GLN A 203 3.23 2.47 -21.09
C GLN A 203 3.10 3.11 -19.72
N HIS A 204 2.80 4.41 -19.69
N HIS A 204 2.76 4.39 -19.63
CA HIS A 204 2.59 5.14 -18.44
CA HIS A 204 2.68 5.03 -18.32
C HIS A 204 1.44 4.54 -17.66
C HIS A 204 1.36 4.74 -17.62
N GLN A 205 0.33 4.33 -18.37
CA GLN A 205 -0.92 3.90 -17.75
C GLN A 205 -0.78 2.53 -17.11
N ARG A 206 -0.16 1.60 -17.84
CA ARG A 206 0.05 0.25 -17.32
C ARG A 206 0.98 0.27 -16.11
N LEU A 207 2.03 1.09 -16.20
CA LEU A 207 2.97 1.25 -15.10
C LEU A 207 2.26 1.73 -13.84
N ALA A 208 1.40 2.73 -14.02
CA ALA A 208 0.62 3.27 -12.91
C ALA A 208 -0.32 2.22 -12.34
N GLN A 209 -0.96 1.46 -13.22
CA GLN A 209 -1.89 0.42 -12.80
C GLN A 209 -1.20 -0.66 -11.99
N LEU A 210 -0.04 -1.13 -12.48
CA LEU A 210 0.72 -2.16 -11.77
C LEU A 210 1.17 -1.71 -10.40
N LEU A 211 1.68 -0.48 -10.31
CA LEU A 211 2.22 0.04 -9.06
C LEU A 211 1.13 0.34 -8.03
N LEU A 212 -0.10 0.57 -8.51
CA LEU A 212 -1.22 0.82 -7.61
C LEU A 212 -1.70 -0.47 -6.96
N ILE A 213 -1.36 -1.60 -7.58
CA ILE A 213 -1.69 -2.91 -7.00
C ILE A 213 -0.84 -3.15 -5.76
N LEU A 214 0.36 -2.58 -5.74
CA LEU A 214 1.29 -2.76 -4.63
C LEU A 214 0.75 -2.18 -3.33
N SER A 215 -0.09 -1.16 -3.43
CA SER A 215 -0.73 -0.59 -2.24
C SER A 215 -1.70 -1.59 -1.64
N HIS A 216 -2.40 -2.31 -2.51
N HIS A 216 -2.40 -2.33 -2.50
CA HIS A 216 -3.33 -3.35 -2.08
CA HIS A 216 -3.34 -3.34 -2.03
C HIS A 216 -2.59 -4.53 -1.48
C HIS A 216 -2.61 -4.57 -1.50
N ILE A 217 -1.46 -4.87 -2.08
CA ILE A 217 -0.63 -5.98 -1.61
C ILE A 217 -0.09 -5.67 -0.22
N ARG A 218 0.25 -4.41 0.00
CA ARG A 218 0.66 -3.94 1.33
C ARG A 218 -0.48 -4.08 2.32
N HIS A 219 -1.69 -3.77 1.87
CA HIS A 219 -2.89 -3.84 2.70
C HIS A 219 -3.16 -5.27 3.15
N MET A 220 -3.08 -6.21 2.20
CA MET A 220 -3.33 -7.62 2.49
C MET A 220 -2.25 -8.19 3.41
N SER A 221 -1.03 -7.68 3.28
CA SER A 221 0.08 -8.12 4.12
C SER A 221 -0.12 -7.71 5.56
N ASN A 222 -0.49 -6.45 5.77
CA ASN A 222 -0.77 -5.94 7.11
C ASN A 222 -1.92 -6.69 7.76
N LYS A 223 -2.96 -6.97 6.97
CA LYS A 223 -4.10 -7.74 7.44
C LYS A 223 -3.68 -9.18 7.76
N GLY A 224 -2.82 -9.73 6.92
CA GLY A 224 -2.30 -11.07 7.11
C GLY A 224 -1.40 -11.16 8.33
N MET A 225 -0.69 -10.06 8.62
CA MET A 225 0.21 -10.01 9.76
C MET A 225 -0.58 -9.96 11.07
N GLU A 226 -1.76 -9.34 11.00
CA GLU A 226 -2.64 -9.26 12.17
C GLU A 226 -3.19 -10.64 12.52
N HIS A 227 -3.55 -11.41 11.50
CA HIS A 227 -4.06 -12.76 11.69
C HIS A 227 -2.96 -13.70 12.17
N LEU A 228 -1.75 -13.49 11.66
CA LEU A 228 -0.58 -14.27 12.08
C LEU A 228 -0.31 -14.06 13.56
N TYR A 229 -0.43 -12.81 14.01
CA TYR A 229 -0.22 -12.47 15.40
C TYR A 229 -1.25 -13.13 16.30
N SER A 230 -2.49 -13.19 15.83
CA SER A 230 -3.58 -13.79 16.60
C SER A 230 -3.38 -15.29 16.76
N MET A 231 -2.78 -15.93 15.75
CA MET A 231 -2.50 -17.36 15.81
C MET A 231 -1.42 -17.65 16.84
N LYS A 232 -0.47 -16.74 16.97
CA LYS A 232 0.60 -16.89 17.96
C LYS A 232 0.03 -16.78 19.36
N CYS A 233 -0.97 -15.93 19.52
CA CYS A 233 -1.63 -15.73 20.81
C CYS A 233 -2.48 -16.94 21.19
N LYS A 234 -3.24 -17.47 20.22
CA LYS A 234 -4.12 -18.60 20.47
C LYS A 234 -3.33 -19.89 20.67
N ASN A 235 -2.15 -19.95 20.06
CA ASN A 235 -1.13 -20.95 20.38
C ASN A 235 -1.44 -22.37 19.90
N VAL A 236 -2.47 -22.55 19.08
CA VAL A 236 -2.87 -23.90 18.65
C VAL A 236 -2.06 -24.37 17.44
N VAL A 237 -1.78 -23.47 16.51
CA VAL A 237 -0.89 -23.77 15.40
C VAL A 237 0.52 -23.33 15.79
N PRO A 238 1.41 -24.28 16.06
CA PRO A 238 2.78 -23.87 16.42
C PRO A 238 3.48 -23.15 15.27
N LEU A 239 4.22 -22.10 15.60
CA LEU A 239 4.95 -21.35 14.60
C LEU A 239 6.44 -21.61 14.74
N SER A 240 7.13 -21.71 13.60
CA SER A 240 8.58 -21.89 13.60
C SER A 240 9.22 -20.66 14.21
N ASP A 241 10.48 -20.81 14.64
CA ASP A 241 11.20 -19.70 15.24
C ASP A 241 11.37 -18.56 14.24
N LEU A 242 11.55 -18.92 12.97
CA LEU A 242 11.74 -17.93 11.92
C LEU A 242 10.48 -17.08 11.73
N LEU A 243 9.33 -17.74 11.62
CA LEU A 243 8.06 -17.04 11.47
C LEU A 243 7.76 -16.15 12.67
N LEU A 244 8.19 -16.60 13.85
CA LEU A 244 7.99 -15.82 15.07
C LEU A 244 8.85 -14.57 15.09
N GLU A 245 10.08 -14.69 14.59
CA GLU A 245 10.98 -13.55 14.55
C GLU A 245 10.58 -12.56 13.46
N MET A 246 9.97 -13.07 12.39
CA MET A 246 9.42 -12.20 11.35
C MET A 246 8.22 -11.43 11.89
N LEU A 247 7.41 -12.11 12.67
CA LEU A 247 6.24 -11.53 13.25
C LEU A 247 6.58 -10.56 14.35
N ASP A 248 7.56 -10.88 15.16
CA ASP A 248 7.98 -9.95 16.20
C ASP A 248 8.52 -8.66 15.63
N ALA A 249 9.24 -8.76 14.53
CA ALA A 249 9.81 -7.63 13.88
C ALA A 249 8.74 -6.68 13.43
N HIS A 250 7.62 -7.19 13.02
CA HIS A 250 6.48 -6.36 12.69
C HIS A 250 5.86 -5.61 13.83
N ARG A 251 5.78 -6.19 15.01
CA ARG A 251 4.94 -5.62 16.05
C ARG A 251 5.80 -5.11 17.18
N SER B 8 -20.24 10.49 -19.03
CA SER B 8 -19.78 11.16 -17.82
C SER B 8 -19.09 12.48 -18.15
N LEU B 9 -18.51 13.11 -17.13
CA LEU B 9 -17.85 14.40 -17.29
C LEU B 9 -16.36 14.30 -16.95
N ALA B 10 -16.02 13.33 -16.11
CA ALA B 10 -14.64 13.16 -15.65
C ALA B 10 -13.72 12.76 -16.80
N LEU B 11 -14.23 11.95 -17.73
CA LEU B 11 -13.44 11.45 -18.85
C LEU B 11 -13.27 12.52 -19.93
N SER B 12 -14.17 13.49 -19.96
CA SER B 12 -14.15 14.52 -20.98
C SER B 12 -13.28 15.71 -20.58
N LEU B 13 -12.75 15.67 -19.35
CA LEU B 13 -11.90 16.75 -18.86
C LEU B 13 -10.49 16.65 -19.39
N THR B 14 -9.91 17.80 -19.72
CA THR B 14 -8.51 17.87 -20.13
C THR B 14 -7.63 17.77 -18.89
N ALA B 15 -6.32 17.63 -19.09
CA ALA B 15 -5.39 17.50 -17.99
C ALA B 15 -5.35 18.79 -17.16
N ASP B 16 -5.36 19.93 -17.84
CA ASP B 16 -5.36 21.22 -17.16
C ASP B 16 -6.69 21.50 -16.49
N GLN B 17 -7.77 20.99 -17.09
CA GLN B 17 -9.09 21.10 -16.49
C GLN B 17 -9.18 20.19 -15.27
N MET B 18 -8.53 19.04 -15.35
CA MET B 18 -8.48 18.09 -14.24
C MET B 18 -7.75 18.70 -13.05
N VAL B 19 -6.64 19.37 -13.32
CA VAL B 19 -5.85 20.02 -12.27
C VAL B 19 -6.62 21.17 -11.64
N SER B 20 -7.21 22.02 -12.49
CA SER B 20 -7.99 23.15 -12.01
C SER B 20 -9.15 22.71 -11.12
N ALA B 21 -9.78 21.60 -11.49
CA ALA B 21 -10.91 21.06 -10.72
C ALA B 21 -10.46 20.58 -9.35
N LEU B 22 -9.32 19.88 -9.31
CA LEU B 22 -8.80 19.34 -8.06
C LEU B 22 -8.29 20.42 -7.13
N LEU B 23 -7.61 21.43 -7.69
CA LEU B 23 -7.12 22.54 -6.90
C LEU B 23 -8.26 23.36 -6.32
N ASP B 24 -9.33 23.51 -7.10
CA ASP B 24 -10.50 24.27 -6.68
C ASP B 24 -11.24 23.55 -5.56
N ALA B 25 -11.18 22.23 -5.56
CA ALA B 25 -11.91 21.42 -4.60
C ALA B 25 -11.13 21.19 -3.31
N GLU B 26 -9.94 21.77 -3.22
CA GLU B 26 -9.08 21.58 -2.06
C GLU B 26 -9.74 22.02 -0.77
N PRO B 27 -9.72 21.14 0.25
CA PRO B 27 -10.26 21.46 1.57
C PRO B 27 -9.37 22.44 2.31
N PRO B 28 -9.94 23.18 3.28
CA PRO B 28 -9.13 24.16 4.02
C PRO B 28 -8.29 23.52 5.11
N ILE B 29 -7.34 24.29 5.65
CA ILE B 29 -6.52 23.84 6.76
C ILE B 29 -7.14 24.30 8.08
N LEU B 30 -7.62 23.35 8.87
CA LEU B 30 -8.30 23.67 10.12
C LEU B 30 -7.30 23.83 11.27
N TYR B 31 -7.73 24.52 12.32
CA TYR B 31 -6.91 24.67 13.52
C TYR B 31 -7.29 23.61 14.55
N SER B 32 -6.33 23.27 15.41
CA SER B 32 -6.60 22.37 16.52
C SER B 32 -7.05 23.19 17.73
N GLU B 33 -7.34 22.49 18.83
CA GLU B 33 -7.78 23.15 20.05
C GLU B 33 -6.61 23.28 21.03
N TYR B 34 -5.40 23.08 20.51
CA TYR B 34 -4.19 23.12 21.30
C TYR B 34 -3.97 24.46 21.99
N ASP B 35 -3.66 24.40 23.28
CA ASP B 35 -3.39 25.60 24.07
C ASP B 35 -2.10 25.38 24.86
N PRO B 36 -1.05 26.15 24.53
CA PRO B 36 0.26 26.03 25.18
C PRO B 36 0.24 26.41 26.66
N THR B 37 -0.80 27.11 27.09
CA THR B 37 -0.94 27.50 28.50
C THR B 37 -1.77 26.49 29.28
N ARG B 38 -2.32 25.53 28.56
CA ARG B 38 -3.10 24.48 29.14
C ARG B 38 -2.24 23.23 29.22
N PRO B 39 -2.28 22.59 30.45
CA PRO B 39 -1.49 21.36 30.49
C PRO B 39 -2.12 20.26 29.66
N PHE B 40 -1.29 19.44 29.07
CA PHE B 40 -1.80 18.27 28.38
C PHE B 40 -1.11 16.99 28.79
N SER B 41 -1.78 15.91 28.44
CA SER B 41 -1.52 14.57 28.86
C SER B 41 -1.54 13.73 27.60
N GLU B 42 -1.08 12.51 27.70
CA GLU B 42 -0.93 11.69 26.53
C GLU B 42 -2.30 11.58 25.91
N ALA B 43 -3.31 11.45 26.72
CA ALA B 43 -4.63 11.30 26.18
C ALA B 43 -5.21 12.56 25.59
N SER B 44 -4.85 13.70 26.14
CA SER B 44 -5.32 15.00 25.67
C SER B 44 -4.72 15.34 24.31
N MET B 45 -3.44 15.04 24.13
CA MET B 45 -2.76 15.28 22.86
C MET B 45 -3.33 14.37 21.77
N MET B 46 -3.74 13.17 22.18
CA MET B 46 -4.41 12.24 21.27
C MET B 46 -5.78 12.77 20.88
N GLY B 47 -6.46 13.38 21.85
CA GLY B 47 -7.75 13.99 21.61
C GLY B 47 -7.66 15.11 20.59
N LEU B 48 -6.52 15.81 20.59
CA LEU B 48 -6.28 16.89 19.64
C LEU B 48 -6.30 16.39 18.20
N LEU B 49 -5.71 15.22 17.98
CA LEU B 49 -5.62 14.65 16.63
C LEU B 49 -6.96 14.10 16.17
N THR B 50 -7.64 13.38 17.04
CA THR B 50 -8.92 12.77 16.70
C THR B 50 -10.02 13.81 16.50
N ASN B 51 -10.01 14.85 17.34
CA ASN B 51 -10.96 15.95 17.20
C ASN B 51 -10.74 16.70 15.90
N LEU B 52 -9.48 16.97 15.59
CA LEU B 52 -9.11 17.63 14.34
C LEU B 52 -9.52 16.79 13.14
N ALA B 53 -9.28 15.49 13.23
CA ALA B 53 -9.62 14.56 12.15
C ALA B 53 -11.13 14.49 11.94
N ASP B 54 -11.88 14.58 13.03
CA ASP B 54 -13.33 14.45 12.98
C ASP B 54 -13.99 15.54 12.13
N ARG B 55 -13.61 16.79 12.37
CA ARG B 55 -14.18 17.90 11.61
CA ARG B 55 -14.19 17.90 11.63
C ARG B 55 -13.45 18.13 10.31
N GLU B 56 -12.39 17.37 10.09
CA GLU B 56 -11.69 17.38 8.80
C GLU B 56 -12.41 16.44 7.84
N LEU B 57 -13.07 15.45 8.42
CA LEU B 57 -13.83 14.47 7.65
C LEU B 57 -15.02 15.11 6.94
N VAL B 58 -15.65 16.07 7.60
CA VAL B 58 -16.79 16.76 7.03
C VAL B 58 -16.38 17.56 5.79
N HIS B 59 -15.14 18.06 5.79
CA HIS B 59 -14.60 18.77 4.65
C HIS B 59 -14.13 17.79 3.57
N MET B 60 -13.64 16.64 4.01
CA MET B 60 -13.17 15.61 3.08
C MET B 60 -14.32 15.04 2.27
N ILE B 61 -15.48 14.90 2.91
CA ILE B 61 -16.67 14.38 2.25
C ILE B 61 -17.11 15.31 1.10
N ASN B 62 -17.14 16.61 1.37
CA ASN B 62 -17.48 17.59 0.34
C ASN B 62 -16.36 17.70 -0.70
N TRP B 63 -15.14 17.41 -0.28
CA TRP B 63 -14.00 17.38 -1.20
C TRP B 63 -14.13 16.20 -2.16
N ALA B 64 -14.55 15.06 -1.62
CA ALA B 64 -14.69 13.84 -2.40
C ALA B 64 -15.75 13.98 -3.48
N LYS B 65 -16.83 14.68 -3.15
CA LYS B 65 -17.93 14.91 -4.08
C LYS B 65 -17.46 15.69 -5.31
N ARG B 66 -16.44 16.52 -5.13
CA ARG B 66 -15.96 17.37 -6.21
C ARG B 66 -14.77 16.76 -6.94
N VAL B 67 -14.45 15.52 -6.57
CA VAL B 67 -13.44 14.75 -7.30
C VAL B 67 -14.08 14.11 -8.52
N PRO B 68 -13.57 14.44 -9.72
CA PRO B 68 -14.12 13.96 -10.99
C PRO B 68 -14.30 12.45 -11.05
N GLY B 69 -15.55 12.00 -11.24
CA GLY B 69 -15.85 10.59 -11.35
C GLY B 69 -16.40 9.97 -10.08
N PHE B 70 -16.12 10.61 -8.94
CA PHE B 70 -16.53 10.07 -7.66
C PHE B 70 -18.05 10.10 -7.48
N VAL B 71 -18.68 11.21 -7.87
CA VAL B 71 -20.11 11.38 -7.70
C VAL B 71 -20.89 10.51 -8.68
N ASP B 72 -20.22 10.04 -9.73
CA ASP B 72 -20.85 9.15 -10.70
C ASP B 72 -21.10 7.78 -10.08
N LEU B 73 -20.36 7.47 -9.03
CA LEU B 73 -20.47 6.17 -8.35
C LEU B 73 -21.70 6.12 -7.46
N THR B 74 -22.18 4.91 -7.17
CA THR B 74 -23.31 4.71 -6.27
C THR B 74 -22.95 5.20 -4.86
N LEU B 75 -23.97 5.54 -4.08
CA LEU B 75 -23.76 6.05 -2.74
C LEU B 75 -23.10 5.00 -1.84
N HIS B 76 -23.40 3.74 -2.12
CA HIS B 76 -22.81 2.63 -1.37
C HIS B 76 -21.31 2.55 -1.61
N ASP B 77 -20.90 2.77 -2.85
CA ASP B 77 -19.49 2.71 -3.21
C ASP B 77 -18.73 3.94 -2.71
N GLN B 78 -19.40 5.09 -2.69
CA GLN B 78 -18.82 6.31 -2.16
C GLN B 78 -18.51 6.16 -0.68
N VAL B 79 -19.44 5.57 0.05
CA VAL B 79 -19.27 5.30 1.47
C VAL B 79 -18.07 4.38 1.70
N HIS B 80 -17.99 3.32 0.91
CA HIS B 80 -16.93 2.33 1.04
C HIS B 80 -15.55 2.93 0.79
N LEU B 81 -15.43 3.74 -0.25
CA LEU B 81 -14.15 4.34 -0.63
C LEU B 81 -13.61 5.27 0.44
N LEU B 82 -14.50 6.02 1.09
CA LEU B 82 -14.09 6.94 2.14
C LEU B 82 -13.75 6.19 3.43
N GLU B 83 -14.48 5.12 3.70
CA GLU B 83 -14.21 4.29 4.89
C GLU B 83 -12.83 3.64 4.81
N CYS B 84 -12.33 3.48 3.59
CA CYS B 84 -11.04 2.83 3.38
C CYS B 84 -9.87 3.81 3.34
N ALA B 85 -10.13 5.03 2.87
CA ALA B 85 -9.05 5.96 2.55
C ALA B 85 -8.99 7.21 3.41
N TRP B 86 -9.96 7.40 4.30
CA TRP B 86 -10.06 8.65 5.06
C TRP B 86 -8.80 8.96 5.86
N LEU B 87 -8.20 7.94 6.47
CA LEU B 87 -6.98 8.14 7.24
C LEU B 87 -5.79 8.34 6.32
N GLU B 88 -5.79 7.64 5.19
CA GLU B 88 -4.76 7.82 4.18
C GLU B 88 -4.74 9.25 3.65
N ILE B 89 -5.93 9.75 3.31
CA ILE B 89 -6.07 11.10 2.77
C ILE B 89 -5.66 12.14 3.80
N LEU B 90 -6.03 11.92 5.06
CA LEU B 90 -5.61 12.80 6.14
C LEU B 90 -4.10 12.83 6.29
N MET B 91 -3.48 11.66 6.20
CA MET B 91 -2.04 11.54 6.40
C MET B 91 -1.23 12.18 5.29
N ILE B 92 -1.65 11.99 4.03
CA ILE B 92 -0.93 12.59 2.91
C ILE B 92 -1.13 14.11 2.93
N GLY B 93 -2.25 14.55 3.50
CA GLY B 93 -2.48 15.96 3.69
C GLY B 93 -1.55 16.52 4.74
N LEU B 94 -1.30 15.72 5.76
CA LEU B 94 -0.39 16.09 6.84
C LEU B 94 1.03 16.25 6.34
N VAL B 95 1.54 15.23 5.65
CA VAL B 95 2.93 15.24 5.19
C VAL B 95 3.15 16.25 4.08
N TRP B 96 2.07 16.64 3.40
CA TRP B 96 2.15 17.68 2.37
C TRP B 96 2.44 19.04 2.98
N ARG B 97 1.70 19.39 4.03
CA ARG B 97 1.87 20.67 4.69
C ARG B 97 2.98 20.63 5.73
N SER B 98 3.60 19.46 5.88
CA SER B 98 4.73 19.31 6.80
C SER B 98 6.07 19.35 6.06
N MET B 99 6.01 19.48 4.74
CA MET B 99 7.20 19.49 3.90
C MET B 99 8.18 20.59 4.30
N GLU B 100 7.70 21.83 4.34
CA GLU B 100 8.56 22.98 4.65
C GLU B 100 8.89 23.08 6.13
N HIS B 101 8.71 21.98 6.86
CA HIS B 101 9.06 21.93 8.27
C HIS B 101 9.85 20.64 8.58
N PRO B 102 11.15 20.65 8.25
CA PRO B 102 12.03 19.49 8.43
C PRO B 102 12.04 18.95 9.85
N GLY B 103 11.79 17.65 9.99
CA GLY B 103 11.78 17.00 11.29
C GLY B 103 10.58 17.40 12.14
N LYS B 104 9.55 17.93 11.48
CA LYS B 104 8.35 18.37 12.18
C LYS B 104 7.08 17.98 11.42
N LEU B 105 6.00 17.77 12.16
CA LEU B 105 4.70 17.45 11.56
C LEU B 105 3.70 18.55 11.83
N LEU B 106 3.16 19.13 10.76
CA LEU B 106 2.20 20.24 10.88
C LEU B 106 0.77 19.72 10.83
N PHE B 107 0.26 19.25 11.97
CA PHE B 107 -1.13 18.79 12.05
C PHE B 107 -2.07 19.96 11.86
N ALA B 108 -1.74 21.07 12.50
CA ALA B 108 -2.50 22.31 12.37
C ALA B 108 -1.53 23.47 12.53
N PRO B 109 -1.84 24.63 11.93
CA PRO B 109 -0.96 25.80 12.02
C PRO B 109 -0.59 26.17 13.46
N ASN B 110 -1.42 25.79 14.41
CA ASN B 110 -1.14 26.03 15.82
C ASN B 110 -0.73 24.75 16.54
N LEU B 111 -0.31 23.75 15.78
CA LEU B 111 0.07 22.46 16.34
C LEU B 111 1.21 21.81 15.56
N LEU B 112 2.44 22.11 15.98
CA LEU B 112 3.62 21.50 15.38
C LEU B 112 4.25 20.49 16.33
N LEU B 113 4.36 19.24 15.88
CA LEU B 113 4.92 18.17 16.70
C LEU B 113 6.10 17.49 16.03
N ASP B 114 7.15 17.25 16.80
CA ASP B 114 8.30 16.52 16.31
C ASP B 114 8.33 15.10 16.89
N ARG B 115 9.37 14.35 16.53
CA ARG B 115 9.50 12.96 16.95
C ARG B 115 9.58 12.82 18.47
N ASN B 116 10.17 13.82 19.11
CA ASN B 116 10.42 13.78 20.55
C ASN B 116 9.14 13.83 21.38
N GLN B 117 8.06 14.34 20.80
CA GLN B 117 6.77 14.26 21.45
C GLN B 117 6.05 13.00 20.99
N GLY B 118 6.63 11.83 21.27
CA GLY B 118 5.97 10.60 20.89
C GLY B 118 5.17 10.05 22.05
N LYS B 119 3.85 10.18 21.97
CA LYS B 119 3.09 10.15 23.20
C LYS B 119 3.18 8.78 23.79
N MET B 124 3.47 6.75 20.33
CA MET B 124 3.61 6.17 19.00
C MET B 124 4.68 6.84 18.13
N VAL B 125 5.93 6.65 18.49
CA VAL B 125 7.02 7.22 17.76
C VAL B 125 7.03 6.65 16.36
N GLU B 126 6.69 5.38 16.21
CA GLU B 126 6.91 4.69 14.94
C GLU B 126 6.11 5.34 13.81
N ILE B 127 4.88 5.70 14.11
CA ILE B 127 4.00 6.32 13.12
C ILE B 127 4.49 7.72 12.75
N PHE B 128 4.96 8.46 13.75
CA PHE B 128 5.51 9.79 13.52
C PHE B 128 6.72 9.76 12.59
N ASP B 129 7.66 8.86 12.89
CA ASP B 129 8.88 8.74 12.10
C ASP B 129 8.57 8.37 10.66
N MET B 130 7.55 7.54 10.46
CA MET B 130 7.13 7.16 9.11
C MET B 130 6.54 8.35 8.38
N LEU B 131 5.72 9.14 9.08
CA LEU B 131 5.13 10.34 8.50
C LEU B 131 6.21 11.38 8.21
N LEU B 132 7.18 11.49 9.11
CA LEU B 132 8.30 12.40 8.92
C LEU B 132 9.13 12.01 7.71
N ALA B 133 9.33 10.71 7.53
CA ALA B 133 10.10 10.20 6.39
C ALA B 133 9.37 10.44 5.08
N THR B 134 8.05 10.22 5.09
CA THR B 134 7.24 10.44 3.91
C THR B 134 7.25 11.92 3.50
N SER B 135 7.13 12.80 4.49
CA SER B 135 7.20 14.24 4.25
C SER B 135 8.58 14.65 3.77
N SER B 136 9.61 14.02 4.33
CA SER B 136 10.98 14.27 3.93
C SER B 136 11.19 13.84 2.48
N ARG B 137 10.50 12.77 2.09
CA ARG B 137 10.57 12.28 0.72
C ARG B 137 9.94 13.27 -0.25
N PHE B 138 8.80 13.84 0.14
CA PHE B 138 8.12 14.85 -0.67
C PHE B 138 8.98 16.09 -0.85
N ARG B 139 9.70 16.46 0.20
CA ARG B 139 10.54 17.66 0.17
C ARG B 139 11.72 17.49 -0.77
N MET B 140 12.28 16.29 -0.80
CA MET B 140 13.43 15.99 -1.65
C MET B 140 13.01 15.84 -3.12
N MET B 141 11.78 15.39 -3.34
CA MET B 141 11.25 15.25 -4.69
C MET B 141 10.72 16.58 -5.20
N ASN B 142 10.66 17.56 -4.30
CA ASN B 142 10.02 18.85 -4.57
C ASN B 142 8.62 18.64 -5.14
N LEU B 143 7.81 17.93 -4.38
CA LEU B 143 6.44 17.61 -4.79
C LEU B 143 5.64 18.88 -5.04
N GLN B 144 4.96 18.92 -6.18
CA GLN B 144 4.15 20.08 -6.54
C GLN B 144 2.73 19.92 -6.02
N GLY B 145 2.06 21.05 -5.81
CA GLY B 145 0.68 21.04 -5.35
C GLY B 145 -0.24 20.39 -6.37
N GLU B 146 0.09 20.57 -7.65
CA GLU B 146 -0.67 19.95 -8.73
C GLU B 146 -0.52 18.44 -8.68
N GLU B 147 0.68 17.97 -8.35
CA GLU B 147 0.92 16.54 -8.21
C GLU B 147 0.26 15.99 -6.97
N PHE B 148 0.23 16.80 -5.91
CA PHE B 148 -0.33 16.40 -4.63
C PHE B 148 -1.83 16.10 -4.72
N VAL B 149 -2.58 16.96 -5.40
CA VAL B 149 -4.02 16.80 -5.51
C VAL B 149 -4.37 15.62 -6.41
N CYS B 150 -3.46 15.27 -7.32
CA CYS B 150 -3.63 14.09 -8.14
C CYS B 150 -3.43 12.83 -7.30
N LEU B 151 -2.36 12.82 -6.51
CA LEU B 151 -2.05 11.68 -5.65
C LEU B 151 -3.14 11.44 -4.61
N LYS B 152 -3.71 12.53 -4.11
CA LYS B 152 -4.74 12.42 -3.07
C LYS B 152 -6.04 11.87 -3.65
N SER B 153 -6.36 12.25 -4.88
CA SER B 153 -7.54 11.74 -5.56
C SER B 153 -7.36 10.29 -5.99
N ILE B 154 -6.12 9.91 -6.28
CA ILE B 154 -5.79 8.54 -6.63
C ILE B 154 -6.06 7.63 -5.43
N ILE B 155 -5.61 8.05 -4.26
CA ILE B 155 -5.81 7.31 -3.02
C ILE B 155 -7.30 7.06 -2.76
N LEU B 156 -8.11 8.09 -2.93
CA LEU B 156 -9.56 8.01 -2.73
C LEU B 156 -10.20 6.93 -3.59
N LEU B 157 -9.81 6.88 -4.86
CA LEU B 157 -10.43 5.99 -5.82
C LEU B 157 -9.81 4.60 -5.83
N ASN B 158 -8.60 4.48 -5.30
CA ASN B 158 -7.87 3.21 -5.38
C ASN B 158 -7.85 2.39 -4.10
N SER B 159 -7.86 3.06 -2.95
CA SER B 159 -7.68 2.37 -1.67
C SER B 159 -8.69 1.27 -1.39
N GLY B 160 -9.91 1.44 -1.89
CA GLY B 160 -10.96 0.46 -1.63
C GLY B 160 -11.64 -0.05 -2.89
N VAL B 161 -10.94 -0.02 -4.01
CA VAL B 161 -11.50 -0.45 -5.29
C VAL B 161 -11.52 -1.98 -5.37
N TYR B 162 -10.80 -2.64 -4.48
CA TYR B 162 -10.73 -4.10 -4.48
C TYR B 162 -11.54 -4.72 -3.37
N THR B 163 -12.79 -4.27 -3.20
CA THR B 163 -13.70 -4.86 -2.23
C THR B 163 -15.14 -4.48 -2.56
N LEU B 169 -22.85 -8.95 -12.70
CA LEU B 169 -23.16 -8.29 -11.44
C LEU B 169 -23.39 -6.79 -11.65
N LYS B 170 -22.95 -6.29 -12.81
CA LYS B 170 -23.14 -4.89 -13.20
C LYS B 170 -22.49 -3.88 -12.25
N SER B 171 -21.94 -4.36 -11.15
CA SER B 171 -21.16 -3.51 -10.26
C SER B 171 -19.78 -3.33 -10.86
N LEU B 172 -19.34 -4.34 -11.61
CA LEU B 172 -18.07 -4.32 -12.31
C LEU B 172 -17.98 -3.15 -13.28
N GLU B 173 -19.14 -2.68 -13.73
CA GLU B 173 -19.21 -1.51 -14.60
C GLU B 173 -18.67 -0.27 -13.89
N GLU B 174 -18.87 -0.22 -12.58
CA GLU B 174 -18.39 0.89 -11.78
C GLU B 174 -16.89 0.77 -11.51
N LYS B 175 -16.43 -0.47 -11.34
CA LYS B 175 -15.02 -0.73 -11.11
C LYS B 175 -14.17 -0.30 -12.31
N ASP B 176 -14.69 -0.58 -13.51
CA ASP B 176 -14.00 -0.20 -14.73
C ASP B 176 -14.00 1.32 -14.91
N HIS B 177 -15.08 1.96 -14.45
CA HIS B 177 -15.18 3.42 -14.51
C HIS B 177 -14.11 4.06 -13.64
N ILE B 178 -13.92 3.52 -12.44
CA ILE B 178 -12.87 3.98 -11.55
C ILE B 178 -11.51 3.79 -12.18
N HIS B 179 -11.33 2.63 -12.83
CA HIS B 179 -10.10 2.34 -13.56
C HIS B 179 -9.88 3.34 -14.69
N ARG B 180 -10.97 3.73 -15.35
CA ARG B 180 -10.90 4.71 -16.41
C ARG B 180 -10.49 6.08 -15.86
N VAL B 181 -11.11 6.49 -14.76
CA VAL B 181 -10.80 7.76 -14.12
C VAL B 181 -9.37 7.76 -13.59
N LEU B 182 -8.94 6.63 -13.04
CA LEU B 182 -7.58 6.47 -12.55
C LEU B 182 -6.56 6.66 -13.66
N ASP B 183 -6.88 6.16 -14.84
CA ASP B 183 -6.02 6.30 -16.01
C ASP B 183 -5.92 7.77 -16.43
N LYS B 184 -7.01 8.50 -16.26
CA LYS B 184 -7.05 9.92 -16.59
C LYS B 184 -6.08 10.71 -15.72
N ILE B 185 -6.07 10.39 -14.43
CA ILE B 185 -5.20 11.06 -13.47
C ILE B 185 -3.74 10.72 -13.76
N THR B 186 -3.49 9.52 -14.26
CA THR B 186 -2.16 9.10 -14.66
C THR B 186 -1.65 9.97 -15.80
N ASP B 187 -2.49 10.17 -16.81
CA ASP B 187 -2.16 11.03 -17.93
C ASP B 187 -1.97 12.47 -17.46
N THR B 188 -2.73 12.86 -16.45
CA THR B 188 -2.65 14.21 -15.89
C THR B 188 -1.32 14.41 -15.18
N LEU B 189 -0.89 13.41 -14.42
CA LEU B 189 0.41 13.46 -13.75
C LEU B 189 1.55 13.56 -14.76
N ILE B 190 1.50 12.70 -15.78
CA ILE B 190 2.50 12.72 -16.85
C ILE B 190 2.48 14.07 -17.57
N HIS B 191 1.28 14.61 -17.78
CA HIS B 191 1.12 15.93 -18.40
C HIS B 191 1.85 17.01 -17.62
N LEU B 192 1.77 16.94 -16.29
CA LEU B 192 2.43 17.91 -15.42
C LEU B 192 3.94 17.79 -15.50
N MET B 193 4.44 16.57 -15.44
CA MET B 193 5.88 16.32 -15.48
C MET B 193 6.48 16.72 -16.82
N ALA B 194 5.74 16.48 -17.89
CA ALA B 194 6.17 16.89 -19.22
C ALA B 194 6.20 18.40 -19.32
N LYS B 195 5.22 19.04 -18.69
CA LYS B 195 5.14 20.50 -18.65
C LYS B 195 6.30 21.08 -17.84
N ALA B 196 6.81 20.28 -16.90
CA ALA B 196 7.91 20.71 -16.04
C ALA B 196 9.26 20.45 -16.69
N GLY B 197 9.25 20.01 -17.94
CA GLY B 197 10.47 19.83 -18.71
C GLY B 197 11.22 18.55 -18.44
N LEU B 198 10.59 17.63 -17.71
CA LEU B 198 11.20 16.34 -17.44
C LEU B 198 11.28 15.49 -18.70
N THR B 199 12.39 14.79 -18.88
CA THR B 199 12.54 13.86 -20.00
C THR B 199 11.57 12.70 -19.81
N LEU B 200 11.32 11.98 -20.90
CA LEU B 200 10.38 10.85 -20.88
C LEU B 200 10.78 9.83 -19.82
N GLN B 201 12.09 9.60 -19.68
CA GLN B 201 12.62 8.70 -18.67
C GLN B 201 12.34 9.21 -17.26
N GLN B 202 12.54 10.51 -17.06
CA GLN B 202 12.33 11.14 -15.76
C GLN B 202 10.85 11.16 -15.38
N GLN B 203 9.98 11.22 -16.38
CA GLN B 203 8.54 11.21 -16.15
C GLN B 203 8.09 9.86 -15.61
N HIS B 204 8.58 8.79 -16.23
CA HIS B 204 8.26 7.44 -15.80
C HIS B 204 8.76 7.18 -14.38
N GLN B 205 9.99 7.60 -14.13
CA GLN B 205 10.61 7.40 -12.83
C GLN B 205 9.89 8.16 -11.73
N ARG B 206 9.62 9.44 -11.97
CA ARG B 206 8.93 10.27 -10.98
C ARG B 206 7.53 9.74 -10.70
N LEU B 207 6.85 9.30 -11.76
CA LEU B 207 5.53 8.70 -11.64
C LEU B 207 5.59 7.46 -10.75
N ALA B 208 6.59 6.62 -10.98
CA ALA B 208 6.80 5.43 -10.18
C ALA B 208 7.12 5.80 -8.74
N GLN B 209 8.03 6.76 -8.57
CA GLN B 209 8.41 7.23 -7.24
C GLN B 209 7.20 7.71 -6.44
N LEU B 210 6.35 8.50 -7.10
CA LEU B 210 5.17 9.05 -6.45
C LEU B 210 4.18 7.97 -6.00
N LEU B 211 3.98 6.95 -6.83
CA LEU B 211 3.00 5.92 -6.54
C LEU B 211 3.51 4.91 -5.52
N LEU B 212 4.82 4.76 -5.41
CA LEU B 212 5.41 3.89 -4.41
C LEU B 212 5.21 4.47 -3.01
N ILE B 213 5.04 5.79 -2.94
CA ILE B 213 4.75 6.47 -1.68
C ILE B 213 3.41 6.00 -1.13
N LEU B 214 2.46 5.76 -2.03
CA LEU B 214 1.11 5.38 -1.66
C LEU B 214 1.07 4.02 -0.96
N SER B 215 2.03 3.17 -1.28
CA SER B 215 2.14 1.88 -0.59
C SER B 215 2.50 2.10 0.88
N HIS B 216 3.35 3.09 1.11
CA HIS B 216 3.77 3.44 2.46
C HIS B 216 2.68 4.18 3.22
N ILE B 217 1.96 5.04 2.51
CA ILE B 217 0.85 5.77 3.10
C ILE B 217 -0.24 4.79 3.51
N ARG B 218 -0.43 3.75 2.70
CA ARG B 218 -1.36 2.68 3.02
C ARG B 218 -0.89 1.94 4.27
N HIS B 219 0.43 1.75 4.37
CA HIS B 219 1.02 1.06 5.51
C HIS B 219 0.84 1.86 6.80
N MET B 220 1.06 3.17 6.70
CA MET B 220 0.91 4.05 7.86
C MET B 220 -0.56 4.11 8.30
N SER B 221 -1.47 4.01 7.33
CA SER B 221 -2.90 4.02 7.62
C SER B 221 -3.30 2.77 8.40
N ASN B 222 -2.86 1.60 7.94
CA ASN B 222 -3.16 0.35 8.61
C ASN B 222 -2.61 0.33 10.03
N LYS B 223 -1.40 0.87 10.20
CA LYS B 223 -0.79 0.97 11.51
C LYS B 223 -1.55 1.93 12.40
N GLY B 224 -2.00 3.04 11.83
CA GLY B 224 -2.76 4.04 12.56
C GLY B 224 -4.14 3.55 12.95
N MET B 225 -4.73 2.74 12.08
CA MET B 225 -6.07 2.21 12.31
C MET B 225 -6.07 1.21 13.46
N GLU B 226 -4.94 0.52 13.63
CA GLU B 226 -4.78 -0.41 14.75
C GLU B 226 -4.61 0.34 16.06
N HIS B 227 -3.95 1.49 16.01
CA HIS B 227 -3.79 2.31 17.21
C HIS B 227 -5.12 2.96 17.57
N LEU B 228 -5.89 3.31 16.55
CA LEU B 228 -7.21 3.91 16.74
C LEU B 228 -8.14 2.90 17.43
N TYR B 229 -7.95 1.63 17.12
CA TYR B 229 -8.74 0.57 17.74
C TYR B 229 -8.41 0.45 19.23
N SER B 230 -7.13 0.53 19.56
CA SER B 230 -6.69 0.40 20.95
C SER B 230 -7.21 1.56 21.80
N MET B 231 -7.24 2.75 21.21
CA MET B 231 -7.75 3.93 21.90
C MET B 231 -9.23 3.79 22.21
N LYS B 232 -9.94 3.04 21.37
CA LYS B 232 -11.36 2.77 21.60
C LYS B 232 -11.54 1.83 22.78
N CYS B 233 -10.78 0.74 22.79
CA CYS B 233 -10.86 -0.27 23.84
C CYS B 233 -10.39 0.26 25.19
N LYS B 234 -9.39 1.13 25.16
CA LYS B 234 -8.84 1.71 26.38
C LYS B 234 -9.77 2.80 26.93
N ASN B 235 -10.63 3.33 26.06
CA ASN B 235 -11.73 4.21 26.45
C ASN B 235 -11.31 5.38 27.35
N VAL B 236 -10.28 6.11 26.95
CA VAL B 236 -9.88 7.30 27.69
C VAL B 236 -9.75 8.49 26.72
N VAL B 237 -9.41 8.18 25.47
CA VAL B 237 -9.33 9.20 24.43
C VAL B 237 -10.69 9.33 23.74
N PRO B 238 -11.26 10.55 23.76
CA PRO B 238 -12.57 10.81 23.16
C PRO B 238 -12.59 10.55 21.66
N LEU B 239 -13.47 9.65 21.22
CA LEU B 239 -13.62 9.34 19.81
C LEU B 239 -15.04 9.64 19.35
N SER B 240 -15.16 10.53 18.38
CA SER B 240 -16.47 10.94 17.88
C SER B 240 -17.20 9.77 17.23
N ASP B 241 -18.52 9.90 17.10
CA ASP B 241 -19.35 8.85 16.54
C ASP B 241 -18.96 8.50 15.11
N LEU B 242 -18.54 9.51 14.36
CA LEU B 242 -18.13 9.32 12.97
C LEU B 242 -16.84 8.50 12.89
N LEU B 243 -15.87 8.82 13.76
CA LEU B 243 -14.61 8.09 13.81
C LEU B 243 -14.83 6.63 14.22
N LEU B 244 -15.79 6.42 15.11
CA LEU B 244 -16.12 5.07 15.57
C LEU B 244 -16.74 4.25 14.45
N GLU B 245 -17.60 4.88 13.65
CA GLU B 245 -18.22 4.21 12.52
C GLU B 245 -17.20 3.95 11.41
N MET B 246 -16.23 4.85 11.28
CA MET B 246 -15.14 4.67 10.34
C MET B 246 -14.30 3.46 10.74
N LEU B 247 -13.92 3.40 12.00
CA LEU B 247 -13.13 2.31 12.53
C LEU B 247 -13.88 0.99 12.47
N ASP B 248 -15.19 1.05 12.69
CA ASP B 248 -16.02 -0.15 12.72
C ASP B 248 -16.08 -0.82 11.35
N ALA B 249 -16.08 -0.01 10.29
CA ALA B 249 -16.12 -0.53 8.93
C ALA B 249 -14.78 -1.16 8.56
N HIS B 250 -13.71 -0.67 9.16
CA HIS B 250 -12.38 -1.18 8.89
C HIS B 250 -12.16 -2.50 9.64
N ARG B 251 -12.89 -2.67 10.73
CA ARG B 251 -12.83 -3.89 11.52
C ARG B 251 -14.01 -4.79 11.24
N LEU B 252 -14.67 -4.56 10.11
CA LEU B 252 -15.88 -5.31 9.75
C LEU B 252 -15.60 -6.79 9.55
N HIS C 2 20.92 -13.60 18.18
CA HIS C 2 19.86 -12.70 17.76
C HIS C 2 18.93 -13.36 16.73
N LYS C 3 18.89 -12.80 15.53
CA LYS C 3 17.92 -13.24 14.52
C LYS C 3 18.44 -14.36 13.62
N ILE C 4 17.54 -15.27 13.26
CA ILE C 4 17.86 -16.32 12.30
C ILE C 4 18.14 -15.71 10.94
N LEU C 5 17.45 -14.61 10.64
CA LEU C 5 17.61 -13.90 9.38
C LEU C 5 19.05 -13.37 9.23
N HIS C 6 19.67 -13.04 10.35
CA HIS C 6 21.07 -12.61 10.36
C HIS C 6 21.98 -13.71 9.83
N ARG C 7 21.66 -14.95 10.17
CA ARG C 7 22.50 -16.08 9.79
C ARG C 7 22.23 -16.56 8.36
N LEU C 8 20.95 -16.67 8.01
CA LEU C 8 20.56 -17.20 6.71
C LEU C 8 21.01 -16.29 5.56
N LEU C 9 21.17 -15.00 5.84
CA LEU C 9 21.62 -14.05 4.85
C LEU C 9 23.14 -14.10 4.66
N GLN C 10 23.80 -14.96 5.43
CA GLN C 10 25.27 -15.07 5.38
C GLN C 10 25.76 -16.30 4.63
N ASP C 11 26.49 -16.06 3.54
CA ASP C 11 27.26 -17.09 2.85
C ASP C 11 28.09 -16.47 1.74
N HIS D 2 -28.22 4.97 7.43
CA HIS D 2 -27.90 4.56 8.80
C HIS D 2 -26.57 5.16 9.25
N LYS D 3 -25.54 5.00 8.44
CA LYS D 3 -24.22 5.54 8.76
C LYS D 3 -24.20 7.06 8.68
N ILE D 4 -23.34 7.68 9.48
CA ILE D 4 -23.16 9.12 9.44
C ILE D 4 -22.56 9.54 8.11
N LEU D 5 -21.54 8.81 7.67
CA LEU D 5 -20.90 9.04 6.38
C LEU D 5 -21.92 8.95 5.24
N HIS D 6 -22.88 8.05 5.39
CA HIS D 6 -23.93 7.85 4.40
C HIS D 6 -24.86 9.07 4.31
N ARG D 7 -25.24 9.58 5.47
CA ARG D 7 -26.13 10.74 5.54
C ARG D 7 -25.46 11.99 4.99
N LEU D 8 -24.17 12.14 5.27
CA LEU D 8 -23.42 13.33 4.88
C LEU D 8 -23.10 13.33 3.38
N LEU D 9 -22.89 12.13 2.82
CA LEU D 9 -22.66 11.99 1.40
C LEU D 9 -23.95 12.21 0.61
N GLN D 10 -25.08 11.91 1.26
CA GLN D 10 -26.39 12.01 0.63
C GLN D 10 -26.88 13.45 0.57
N ASP D 11 -26.29 14.30 1.41
CA ASP D 11 -26.63 15.73 1.41
C ASP D 11 -26.17 16.41 0.13
#